data_6LFJ
#
_entry.id   6LFJ
#
_cell.length_a   65.689
_cell.length_b   72.564
_cell.length_c   100.469
_cell.angle_alpha   90.000
_cell.angle_beta   90.000
_cell.angle_gamma   90.000
#
_symmetry.space_group_name_H-M   'P 21 21 21'
#
loop_
_entity.id
_entity.type
_entity.pdbx_description
1 polymer 'C-type lectin domain family 4, member b1'
2 non-polymer 'CALCIUM ION'
3 non-polymer 2-[3-(2-HYDROXY-1,1-DIHYDROXYMETHYL-ETHYLAMINO)-PROPYLAMINO]-2-HYDROXYMETHYL-PROPANE-1,3-DIOL
4 non-polymer alpha-D-mannopyranose
5 non-polymer D-MYO-INOSITOL-1-PHOSPHATE
6 water water
#
_entity_poly.entity_id   1
_entity_poly.type   'polypeptide(L)'
_entity_poly.pdbx_seq_one_letter_code
;MGSMCPKDWKLFGSHCYLVPTVFSSASWNKSEENCSRMGAHLVVIHSQEEQDFITGILDIHAAYFIGLWDTGHRQWQWVD
QTPYEESVTFWHNGEPSSDNEKCVTVYYRRNIGWGWNDISCNLKQKSVCQMKKINL
;
_entity_poly.pdbx_strand_id   A,B
#
loop_
_chem_comp.id
_chem_comp.type
_chem_comp.name
_chem_comp.formula
B3P non-polymer 2-[3-(2-HYDROXY-1,1-DIHYDROXYMETHYL-ETHYLAMINO)-PROPYLAMINO]-2-HYDROXYMETHYL-PROPANE-1,3-DIOL 'C11 H26 N2 O6'
CA non-polymer 'CALCIUM ION' 'Ca 2'
IPD non-polymer D-MYO-INOSITOL-1-PHOSPHATE 'C6 H11 O9 P -2'
MAN D-saccharide, alpha linking alpha-D-mannopyranose 'C6 H12 O6'
#
# COMPACT_ATOMS: atom_id res chain seq x y z
N GLY A 2 8.33 -15.89 -17.77
CA GLY A 2 9.75 -15.55 -17.50
C GLY A 2 9.93 -14.99 -16.10
N SER A 3 10.86 -14.04 -15.94
CA SER A 3 11.21 -13.38 -14.66
C SER A 3 10.09 -12.44 -14.24
N MET A 4 9.88 -12.29 -12.94
CA MET A 4 8.80 -11.45 -12.37
C MET A 4 9.29 -10.00 -12.29
N CYS A 5 10.60 -9.80 -12.30
CA CYS A 5 11.28 -8.49 -12.14
C CYS A 5 12.16 -8.18 -13.35
N PRO A 6 12.33 -6.91 -13.71
CA PRO A 6 13.32 -6.55 -14.72
C PRO A 6 14.72 -6.99 -14.28
N LYS A 7 15.62 -7.16 -15.26
CA LYS A 7 17.02 -7.57 -15.04
C LYS A 7 17.64 -6.71 -13.96
N ASP A 8 18.25 -7.37 -12.95
CA ASP A 8 19.08 -6.75 -11.87
CA ASP A 8 19.08 -6.74 -11.89
C ASP A 8 18.20 -6.16 -10.76
N TRP A 9 16.87 -6.18 -10.92
CA TRP A 9 15.95 -5.81 -9.82
C TRP A 9 15.89 -6.98 -8.84
N LYS A 10 15.57 -6.70 -7.58
CA LYS A 10 15.47 -7.71 -6.52
C LYS A 10 14.01 -7.92 -6.08
N LEU A 11 13.60 -9.18 -5.99
CA LEU A 11 12.21 -9.60 -5.67
C LEU A 11 12.05 -9.64 -4.15
N PHE A 12 10.98 -9.05 -3.63
CA PHE A 12 10.50 -9.32 -2.25
C PHE A 12 8.99 -9.09 -2.22
N GLY A 13 8.25 -10.09 -1.75
CA GLY A 13 6.78 -10.03 -1.76
C GLY A 13 6.30 -9.79 -3.18
N SER A 14 5.35 -8.87 -3.34
CA SER A 14 4.72 -8.59 -4.64
C SER A 14 5.56 -7.57 -5.42
N HIS A 15 6.74 -7.16 -4.93
CA HIS A 15 7.47 -6.01 -5.50
C HIS A 15 8.88 -6.37 -6.00
N CYS A 16 9.40 -5.50 -6.85
CA CYS A 16 10.78 -5.53 -7.39
C CYS A 16 11.45 -4.24 -6.93
N TYR A 17 12.71 -4.33 -6.50
CA TYR A 17 13.46 -3.22 -5.88
C TYR A 17 14.78 -3.01 -6.64
N LEU A 18 15.18 -1.75 -6.75
CA LEU A 18 16.49 -1.39 -7.33
C LEU A 18 17.05 -0.17 -6.61
N VAL A 19 18.33 -0.25 -6.26
CA VAL A 19 19.15 0.94 -5.91
C VAL A 19 19.81 1.40 -7.20
N PRO A 20 19.40 2.56 -7.76
CA PRO A 20 20.05 3.07 -8.97
C PRO A 20 21.46 3.58 -8.60
N THR A 21 22.48 2.84 -9.03
CA THR A 21 23.89 3.02 -8.59
C THR A 21 24.56 4.12 -9.43
N VAL A 22 24.30 4.14 -10.74
CA VAL A 22 25.03 5.07 -11.65
C VAL A 22 24.40 6.47 -11.53
N PHE A 23 23.08 6.55 -11.55
CA PHE A 23 22.36 7.81 -11.20
C PHE A 23 23.02 8.42 -9.95
N SER A 24 23.80 9.48 -10.11
CA SER A 24 24.47 10.14 -8.96
C SER A 24 23.41 10.78 -8.07
N SER A 25 23.74 10.96 -6.80
CA SER A 25 22.95 11.68 -5.78
C SER A 25 22.05 12.75 -6.40
N ALA A 26 20.82 12.87 -5.92
CA ALA A 26 19.86 13.85 -6.45
C ALA A 26 18.85 14.23 -5.37
N SER A 27 18.15 15.34 -5.61
CA SER A 27 17.05 15.84 -4.73
C SER A 27 15.95 14.78 -4.69
N TRP A 28 15.00 14.93 -3.79
CA TRP A 28 13.87 13.98 -3.66
C TRP A 28 13.05 13.97 -4.96
N ASN A 29 12.71 15.15 -5.50
CA ASN A 29 11.91 15.26 -6.74
C ASN A 29 12.63 14.55 -7.88
N LYS A 30 13.94 14.80 -8.04
CA LYS A 30 14.74 14.23 -9.16
C LYS A 30 14.85 12.71 -8.96
N SER A 31 14.98 12.24 -7.72
CA SER A 31 15.04 10.79 -7.39
C SER A 31 13.71 10.12 -7.77
N GLU A 32 12.58 10.73 -7.39
CA GLU A 32 11.25 10.19 -7.74
C GLU A 32 11.11 10.15 -9.27
N GLU A 33 11.57 11.19 -9.95
CA GLU A 33 11.51 11.29 -11.43
C GLU A 33 12.36 10.15 -12.04
N ASN A 34 13.52 9.82 -11.47
CA ASN A 34 14.39 8.74 -12.00
C ASN A 34 13.67 7.38 -11.84
N CYS A 35 13.08 7.13 -10.66
CA CYS A 35 12.24 5.92 -10.42
C CYS A 35 11.13 5.88 -11.48
N SER A 36 10.52 7.03 -11.76
CA SER A 36 9.36 7.14 -12.66
C SER A 36 9.76 6.76 -14.09
N ARG A 37 10.96 7.15 -14.50
CA ARG A 37 11.54 6.83 -15.84
CA ARG A 37 11.51 6.82 -15.85
C ARG A 37 11.73 5.30 -15.98
N MET A 38 11.75 4.56 -14.86
CA MET A 38 11.89 3.08 -14.86
C MET A 38 10.53 2.40 -14.66
N GLY A 39 9.45 3.18 -14.57
CA GLY A 39 8.09 2.64 -14.30
C GLY A 39 7.91 2.31 -12.83
N ALA A 40 8.67 2.99 -11.97
CA ALA A 40 8.77 2.69 -10.53
C ALA A 40 8.49 3.97 -9.74
N HIS A 41 8.57 3.83 -8.43
CA HIS A 41 8.35 4.88 -7.40
CA HIS A 41 8.49 4.99 -7.50
C HIS A 41 9.48 4.77 -6.35
N LEU A 42 9.81 5.85 -5.68
CA LEU A 42 10.62 5.72 -4.44
C LEU A 42 9.90 4.72 -3.53
N VAL A 43 10.65 3.95 -2.75
CA VAL A 43 10.07 2.83 -1.95
C VAL A 43 8.99 3.34 -1.00
N VAL A 44 7.97 2.51 -0.86
CA VAL A 44 6.80 2.74 0.01
C VAL A 44 6.80 1.60 1.02
N ILE A 45 7.18 1.90 2.26
CA ILE A 45 7.58 0.90 3.28
C ILE A 45 6.43 0.73 4.26
N HIS A 46 5.66 -0.33 4.09
CA HIS A 46 4.41 -0.58 4.84
C HIS A 46 4.64 -1.50 6.03
N SER A 47 5.74 -2.25 6.09
CA SER A 47 5.94 -3.35 7.07
C SER A 47 7.38 -3.43 7.54
N GLN A 48 7.60 -4.06 8.70
CA GLN A 48 8.95 -4.46 9.21
C GLN A 48 9.70 -5.28 8.14
N GLU A 49 9.01 -6.22 7.50
CA GLU A 49 9.60 -7.10 6.46
CA GLU A 49 9.58 -7.10 6.44
C GLU A 49 10.16 -6.24 5.32
N GLU A 50 9.40 -5.25 4.86
CA GLU A 50 9.84 -4.38 3.75
C GLU A 50 11.01 -3.50 4.21
N GLN A 51 10.92 -2.93 5.42
CA GLN A 51 12.01 -2.08 5.99
C GLN A 51 13.29 -2.94 6.03
N ASP A 52 13.18 -4.19 6.51
CA ASP A 52 14.33 -5.10 6.67
C ASP A 52 14.90 -5.46 5.31
N PHE A 53 14.05 -5.81 4.34
CA PHE A 53 14.51 -6.23 3.00
C PHE A 53 15.21 -5.05 2.31
N ILE A 54 14.55 -3.90 2.27
CA ILE A 54 15.07 -2.70 1.57
C ILE A 54 16.42 -2.35 2.18
N THR A 55 16.50 -2.27 3.51
CA THR A 55 17.76 -1.85 4.18
C THR A 55 18.84 -2.92 3.99
N GLY A 56 18.46 -4.19 3.83
CA GLY A 56 19.39 -5.30 3.54
C GLY A 56 20.12 -5.12 2.22
N ILE A 57 19.57 -4.38 1.25
CA ILE A 57 20.22 -4.23 -0.10
C ILE A 57 20.93 -2.87 -0.20
N LEU A 58 21.01 -2.12 0.90
CA LEU A 58 21.67 -0.80 0.92
C LEU A 58 23.08 -0.89 1.50
N ASP A 59 23.83 0.17 1.25
CA ASP A 59 25.20 0.38 1.77
C ASP A 59 25.07 1.17 3.07
N ILE A 60 25.53 0.61 4.20
CA ILE A 60 25.42 1.23 5.55
C ILE A 60 26.12 2.60 5.55
N HIS A 61 26.97 2.91 4.58
CA HIS A 61 27.70 4.21 4.55
C HIS A 61 26.92 5.28 3.80
N ALA A 62 25.73 5.00 3.28
CA ALA A 62 24.96 5.98 2.50
C ALA A 62 23.56 6.15 3.07
N ALA A 63 22.95 7.30 2.79
CA ALA A 63 21.55 7.66 3.15
C ALA A 63 20.72 7.65 1.87
N TYR A 64 19.48 7.20 1.96
CA TYR A 64 18.66 6.94 0.76
C TYR A 64 17.28 7.56 0.95
N PHE A 65 16.84 8.36 -0.03
CA PHE A 65 15.45 8.85 -0.05
C PHE A 65 14.50 7.65 -0.18
N ILE A 66 13.42 7.70 0.59
CA ILE A 66 12.22 6.82 0.45
C ILE A 66 11.05 7.68 0.01
N GLY A 67 9.97 7.06 -0.43
CA GLY A 67 8.82 7.74 -1.04
C GLY A 67 7.83 8.27 -0.02
N LEU A 68 8.32 8.94 1.03
CA LEU A 68 7.51 9.56 2.11
C LEU A 68 7.82 11.06 2.14
N TRP A 69 6.77 11.88 2.14
CA TRP A 69 6.91 13.35 2.20
C TRP A 69 5.75 13.94 3.00
N ASP A 70 6.01 15.12 3.56
CA ASP A 70 5.10 15.84 4.46
C ASP A 70 4.29 16.81 3.60
N THR A 71 2.99 16.53 3.41
CA THR A 71 2.06 17.36 2.62
C THR A 71 1.60 18.58 3.41
N GLY A 72 1.88 18.65 4.72
CA GLY A 72 1.41 19.77 5.56
C GLY A 72 2.33 19.99 6.74
N HIS A 73 1.91 19.53 7.92
CA HIS A 73 2.64 19.64 9.20
C HIS A 73 2.67 18.26 9.83
N ARG A 74 3.68 17.46 9.48
CA ARG A 74 3.83 16.05 9.91
C ARG A 74 2.65 15.23 9.35
N GLN A 75 2.12 15.66 8.20
CA GLN A 75 1.07 14.90 7.46
CA GLN A 75 1.07 14.88 7.46
CA GLN A 75 1.07 14.87 7.49
C GLN A 75 1.77 14.08 6.38
N TRP A 76 2.39 12.98 6.79
CA TRP A 76 3.22 12.10 5.94
C TRP A 76 2.32 11.37 4.95
N GLN A 77 2.77 11.36 3.69
CA GLN A 77 2.07 10.75 2.54
C GLN A 77 3.06 9.91 1.72
N TRP A 78 2.68 8.68 1.38
CA TRP A 78 3.45 7.79 0.47
C TRP A 78 3.27 8.28 -0.96
N VAL A 79 4.30 8.18 -1.79
CA VAL A 79 4.27 8.65 -3.21
C VAL A 79 3.17 7.90 -3.99
N ASP A 80 2.77 6.70 -3.58
CA ASP A 80 1.68 5.95 -4.29
C ASP A 80 0.32 6.22 -3.60
N GLN A 81 0.31 7.10 -2.59
CA GLN A 81 -0.91 7.60 -1.89
C GLN A 81 -1.59 6.50 -1.05
N THR A 82 -0.95 5.34 -0.86
CA THR A 82 -1.45 4.27 0.03
C THR A 82 -1.34 4.78 1.47
N PRO A 83 -2.21 4.29 2.39
CA PRO A 83 -2.29 4.82 3.74
C PRO A 83 -0.96 4.81 4.49
N TYR A 84 -0.68 5.92 5.18
CA TYR A 84 0.43 6.07 6.15
C TYR A 84 -0.10 5.65 7.52
N GLU A 85 0.60 4.73 8.17
CA GLU A 85 0.22 4.18 9.49
C GLU A 85 1.32 4.52 10.48
N GLU A 86 1.10 5.49 11.37
CA GLU A 86 2.14 5.98 12.32
C GLU A 86 2.63 4.80 13.18
N SER A 87 1.75 3.82 13.46
CA SER A 87 2.07 2.66 14.35
C SER A 87 3.03 1.68 13.66
N VAL A 88 3.25 1.78 12.34
CA VAL A 88 4.16 0.87 11.57
C VAL A 88 5.22 1.70 10.85
N THR A 89 5.97 2.51 11.60
CA THR A 89 7.02 3.41 11.07
C THR A 89 8.37 3.05 11.71
N PHE A 90 9.45 3.60 11.18
CA PHE A 90 10.83 3.19 11.54
C PHE A 90 11.70 4.44 11.73
N TRP A 91 11.11 5.49 12.30
CA TRP A 91 11.80 6.76 12.58
C TRP A 91 12.97 6.47 13.53
N HIS A 92 14.15 7.03 13.28
CA HIS A 92 15.25 7.06 14.28
C HIS A 92 14.76 7.80 15.54
N ASN A 93 15.40 7.52 16.68
CA ASN A 93 15.12 8.24 17.94
CA ASN A 93 15.15 8.25 17.94
C ASN A 93 15.34 9.75 17.67
N GLY A 94 14.40 10.58 18.11
CA GLY A 94 14.46 12.04 17.92
C GLY A 94 14.01 12.49 16.54
N GLU A 95 13.52 11.56 15.70
CA GLU A 95 12.96 11.90 14.38
C GLU A 95 11.47 11.56 14.37
N PRO A 96 10.63 12.27 13.58
CA PRO A 96 11.04 13.46 12.85
C PRO A 96 11.42 14.63 13.76
N SER A 97 12.20 15.58 13.24
CA SER A 97 12.88 16.60 14.06
C SER A 97 12.42 18.01 13.71
N SER A 98 11.87 18.28 12.53
CA SER A 98 11.69 19.68 12.05
C SER A 98 10.58 19.84 11.01
N ASP A 99 9.64 20.76 11.22
CA ASP A 99 8.56 21.00 10.23
C ASP A 99 9.15 21.59 8.95
N ASN A 100 10.42 22.02 8.93
CA ASN A 100 11.07 22.54 7.70
CA ASN A 100 11.08 22.54 7.71
C ASN A 100 11.65 21.38 6.87
N GLU A 101 11.69 20.16 7.41
CA GLU A 101 12.22 18.95 6.73
C GLU A 101 11.04 18.12 6.22
N LYS A 102 10.75 18.17 4.91
CA LYS A 102 9.48 17.65 4.35
C LYS A 102 9.70 16.31 3.63
N CYS A 103 10.94 15.87 3.45
CA CYS A 103 11.27 14.58 2.77
C CYS A 103 11.96 13.63 3.76
N VAL A 104 12.02 12.35 3.42
CA VAL A 104 12.47 11.31 4.37
C VAL A 104 13.56 10.47 3.71
N THR A 105 14.62 10.23 4.47
CA THR A 105 15.74 9.35 4.08
CA THR A 105 15.73 9.32 4.10
C THR A 105 15.76 8.17 5.08
N VAL A 106 16.34 7.06 4.65
CA VAL A 106 16.66 5.92 5.54
C VAL A 106 18.19 5.85 5.59
N TYR A 107 18.74 5.78 6.79
CA TYR A 107 20.21 5.66 6.97
C TYR A 107 20.50 4.88 8.24
N TYR A 108 21.74 4.43 8.34
CA TYR A 108 22.24 3.51 9.39
C TYR A 108 22.93 4.33 10.47
N ARG A 109 22.50 4.22 11.72
CA ARG A 109 23.23 4.78 12.89
CA ARG A 109 23.23 4.79 12.89
C ARG A 109 24.09 3.68 13.50
N ARG A 110 25.40 3.92 13.70
CA ARG A 110 26.30 2.86 14.21
C ARG A 110 25.79 2.43 15.59
N ASN A 111 25.81 1.12 15.85
CA ASN A 111 25.38 0.48 17.13
C ASN A 111 23.87 0.63 17.34
N ILE A 112 23.12 1.01 16.31
CA ILE A 112 21.64 1.17 16.42
C ILE A 112 21.00 0.38 15.29
N GLY A 113 21.33 0.74 14.06
CA GLY A 113 20.73 0.13 12.85
C GLY A 113 20.08 1.17 11.98
N TRP A 114 19.25 0.70 11.06
CA TRP A 114 18.59 1.55 10.04
C TRP A 114 17.36 2.24 10.65
N GLY A 115 17.06 3.42 10.14
CA GLY A 115 15.91 4.20 10.59
C GLY A 115 15.70 5.39 9.70
N TRP A 116 14.54 6.03 9.84
CA TRP A 116 14.13 7.17 9.00
C TRP A 116 14.52 8.48 9.65
N ASN A 117 14.79 9.46 8.79
CA ASN A 117 15.13 10.84 9.19
C ASN A 117 14.41 11.79 8.24
N ASP A 118 13.70 12.78 8.78
CA ASP A 118 13.16 13.88 7.95
C ASP A 118 14.34 14.79 7.57
N ILE A 119 14.40 15.19 6.30
CA ILE A 119 15.51 15.99 5.71
CA ILE A 119 15.48 16.08 5.78
C ILE A 119 14.92 17.00 4.72
N SER A 120 15.70 18.03 4.40
CA SER A 120 15.38 18.99 3.31
C SER A 120 15.26 18.21 2.00
N CYS A 121 14.14 18.39 1.31
CA CYS A 121 13.86 17.77 -0.01
C CYS A 121 14.93 18.14 -1.03
N ASN A 122 15.64 19.25 -0.84
CA ASN A 122 16.61 19.79 -1.84
C ASN A 122 18.01 19.20 -1.65
N LEU A 123 18.32 18.56 -0.52
CA LEU A 123 19.62 17.88 -0.31
C LEU A 123 19.72 16.70 -1.27
N LYS A 124 20.91 16.45 -1.79
CA LYS A 124 21.15 15.33 -2.73
C LYS A 124 21.41 14.07 -1.89
N GLN A 125 20.72 13.00 -2.19
CA GLN A 125 20.87 11.70 -1.50
CA GLN A 125 20.91 11.69 -1.51
C GLN A 125 20.82 10.60 -2.56
N LYS A 126 21.19 9.39 -2.17
CA LYS A 126 20.91 8.19 -3.00
CA LYS A 126 20.91 8.20 -3.00
C LYS A 126 19.42 7.89 -2.84
N SER A 127 18.94 6.84 -3.48
CA SER A 127 17.50 6.52 -3.47
C SER A 127 17.31 5.02 -3.71
N VAL A 128 16.09 4.55 -3.48
CA VAL A 128 15.74 3.15 -3.80
C VAL A 128 14.32 3.16 -4.37
N CYS A 129 14.15 2.44 -5.46
CA CYS A 129 12.94 2.40 -6.30
C CYS A 129 12.25 1.06 -6.10
N GLN A 130 10.92 1.02 -6.24
CA GLN A 130 10.14 -0.23 -6.24
C GLN A 130 9.09 -0.15 -7.33
N MET A 131 8.68 -1.32 -7.82
CA MET A 131 7.53 -1.46 -8.75
C MET A 131 6.83 -2.78 -8.42
N LYS A 132 5.63 -2.98 -8.94
CA LYS A 132 4.94 -4.30 -8.86
C LYS A 132 5.70 -5.31 -9.74
N LYS A 133 5.73 -6.57 -9.34
CA LYS A 133 6.32 -7.65 -10.18
C LYS A 133 5.33 -7.95 -11.31
N ILE A 134 5.77 -8.72 -12.30
CA ILE A 134 4.88 -9.39 -13.31
C ILE A 134 4.51 -10.79 -12.81
N SER B 3 -9.08 -25.50 -15.32
CA SER B 3 -10.01 -24.67 -14.47
C SER B 3 -9.79 -23.19 -14.78
N MET B 4 -10.87 -22.40 -14.75
CA MET B 4 -10.82 -20.94 -14.98
C MET B 4 -10.10 -20.29 -13.80
N CYS B 5 -10.19 -20.88 -12.60
CA CYS B 5 -9.73 -20.28 -11.31
C CYS B 5 -8.80 -21.22 -10.56
N PRO B 6 -7.79 -20.70 -9.85
CA PRO B 6 -6.94 -21.53 -9.01
C PRO B 6 -7.76 -22.28 -7.95
N LYS B 7 -7.20 -23.36 -7.44
CA LYS B 7 -7.80 -24.21 -6.38
C LYS B 7 -8.23 -23.33 -5.20
N ASP B 8 -9.49 -23.51 -4.74
CA ASP B 8 -10.13 -22.84 -3.58
C ASP B 8 -10.66 -21.45 -3.94
N TRP B 9 -10.35 -20.91 -5.12
CA TRP B 9 -10.94 -19.64 -5.61
C TRP B 9 -12.33 -19.91 -6.21
N LYS B 10 -13.16 -18.87 -6.23
CA LYS B 10 -14.58 -18.93 -6.67
C LYS B 10 -14.73 -18.05 -7.90
N LEU B 11 -15.36 -18.59 -8.95
CA LEU B 11 -15.53 -17.93 -10.26
C LEU B 11 -16.77 -17.02 -10.21
N PHE B 12 -16.63 -15.78 -10.68
CA PHE B 12 -17.79 -14.94 -11.04
C PHE B 12 -17.38 -14.05 -12.22
N GLY B 13 -18.10 -14.20 -13.33
CA GLY B 13 -17.88 -13.44 -14.57
C GLY B 13 -16.48 -13.73 -15.09
N SER B 14 -15.64 -12.69 -15.20
CA SER B 14 -14.25 -12.79 -15.70
C SER B 14 -13.23 -12.83 -14.54
N HIS B 15 -13.67 -12.99 -13.29
CA HIS B 15 -12.77 -12.90 -12.11
C HIS B 15 -12.86 -14.15 -11.22
N CYS B 16 -11.82 -14.38 -10.44
CA CYS B 16 -11.72 -15.39 -9.37
C CYS B 16 -11.59 -14.64 -8.04
N TYR B 17 -12.26 -15.14 -7.00
CA TYR B 17 -12.37 -14.47 -5.69
C TYR B 17 -11.94 -15.45 -4.59
N LEU B 18 -11.32 -14.93 -3.54
CA LEU B 18 -10.86 -15.72 -2.39
C LEU B 18 -10.94 -14.87 -1.13
N VAL B 19 -11.54 -15.41 -0.07
CA VAL B 19 -11.35 -14.96 1.33
C VAL B 19 -10.12 -15.68 1.88
N PRO B 20 -8.97 -15.01 2.03
CA PRO B 20 -7.77 -15.66 2.55
C PRO B 20 -8.01 -16.27 3.94
N THR B 21 -7.41 -17.42 4.24
CA THR B 21 -7.58 -18.18 5.52
C THR B 21 -6.25 -18.33 6.26
N VAL B 22 -5.20 -18.81 5.58
CA VAL B 22 -3.85 -19.00 6.19
C VAL B 22 -3.42 -17.65 6.79
N PHE B 23 -3.84 -16.57 6.15
CA PHE B 23 -3.54 -15.17 6.56
CA PHE B 23 -3.56 -15.16 6.53
C PHE B 23 -4.68 -14.67 7.46
N SER B 24 -4.40 -14.51 8.76
CA SER B 24 -5.41 -14.03 9.74
C SER B 24 -5.63 -12.51 9.55
N SER B 25 -6.59 -11.95 10.30
CA SER B 25 -7.01 -10.52 10.23
C SER B 25 -5.79 -9.62 10.06
N ALA B 26 -5.90 -8.55 9.30
CA ALA B 26 -4.74 -7.67 9.02
C ALA B 26 -5.22 -6.29 8.59
N SER B 27 -4.31 -5.32 8.68
CA SER B 27 -4.50 -3.92 8.25
C SER B 27 -4.85 -3.91 6.77
N TRP B 28 -5.35 -2.79 6.27
CA TRP B 28 -5.65 -2.61 4.83
C TRP B 28 -4.36 -2.82 4.00
N ASN B 29 -3.24 -2.19 4.37
CA ASN B 29 -1.99 -2.33 3.57
C ASN B 29 -1.54 -3.80 3.57
N LYS B 30 -1.54 -4.46 4.72
CA LYS B 30 -1.05 -5.87 4.83
C LYS B 30 -1.97 -6.79 4.04
N SER B 31 -3.27 -6.51 4.08
CA SER B 31 -4.31 -7.27 3.31
C SER B 31 -4.06 -7.13 1.81
N GLU B 32 -3.83 -5.90 1.34
CA GLU B 32 -3.56 -5.63 -0.09
C GLU B 32 -2.29 -6.38 -0.50
N GLU B 33 -1.23 -6.33 0.33
CA GLU B 33 0.04 -7.03 -0.02
C GLU B 33 -0.19 -8.54 -0.07
N ASN B 34 -0.98 -9.09 0.86
CA ASN B 34 -1.26 -10.55 0.87
CA ASN B 34 -1.30 -10.54 0.87
C ASN B 34 -2.00 -10.93 -0.44
N CYS B 35 -2.97 -10.14 -0.89
CA CYS B 35 -3.63 -10.39 -2.20
C CYS B 35 -2.60 -10.30 -3.32
N SER B 36 -1.76 -9.26 -3.34
CA SER B 36 -0.77 -9.00 -4.43
C SER B 36 0.23 -10.15 -4.52
N ARG B 37 0.61 -10.73 -3.39
N ARG B 37 0.59 -10.73 -3.38
CA ARG B 37 1.53 -11.89 -3.38
CA ARG B 37 1.52 -11.89 -3.30
C ARG B 37 0.92 -13.07 -4.14
C ARG B 37 0.92 -13.09 -4.04
N MET B 38 -0.40 -13.15 -4.20
CA MET B 38 -1.10 -14.27 -4.90
C MET B 38 -1.40 -13.88 -6.34
N GLY B 39 -0.85 -12.76 -6.83
CA GLY B 39 -1.18 -12.22 -8.18
C GLY B 39 -2.58 -11.62 -8.19
N ALA B 40 -3.09 -11.20 -7.04
CA ALA B 40 -4.47 -10.68 -6.90
C ALA B 40 -4.43 -9.28 -6.29
N HIS B 41 -5.61 -8.74 -5.97
CA HIS B 41 -5.71 -7.44 -5.27
C HIS B 41 -7.00 -7.47 -4.46
N LEU B 42 -7.13 -6.57 -3.49
CA LEU B 42 -8.40 -6.44 -2.75
C LEU B 42 -9.52 -6.19 -3.76
N VAL B 43 -10.72 -6.71 -3.50
CA VAL B 43 -11.86 -6.67 -4.46
C VAL B 43 -12.12 -5.24 -4.89
N VAL B 44 -12.33 -5.09 -6.19
CA VAL B 44 -12.78 -3.84 -6.83
C VAL B 44 -14.19 -4.09 -7.35
N ILE B 45 -15.16 -3.34 -6.83
CA ILE B 45 -16.62 -3.65 -6.98
C ILE B 45 -17.23 -2.67 -7.99
N HIS B 46 -17.52 -3.12 -9.22
CA HIS B 46 -18.00 -2.23 -10.31
CA HIS B 46 -17.97 -2.31 -10.38
C HIS B 46 -19.48 -2.50 -10.64
N SER B 47 -20.16 -3.35 -9.90
CA SER B 47 -21.59 -3.59 -10.19
C SER B 47 -22.32 -4.17 -8.98
N GLN B 48 -23.64 -4.01 -8.98
CA GLN B 48 -24.56 -4.67 -8.04
C GLN B 48 -24.27 -6.19 -8.02
N GLU B 49 -24.01 -6.78 -9.17
CA GLU B 49 -23.84 -8.25 -9.27
CA GLU B 49 -23.83 -8.25 -9.29
C GLU B 49 -22.55 -8.64 -8.56
N GLU B 50 -21.48 -7.87 -8.75
CA GLU B 50 -20.19 -8.12 -8.06
C GLU B 50 -20.40 -7.95 -6.55
N GLN B 51 -21.06 -6.86 -6.12
CA GLN B 51 -21.34 -6.61 -4.68
C GLN B 51 -22.04 -7.84 -4.10
N ASP B 52 -23.10 -8.33 -4.76
CA ASP B 52 -23.91 -9.49 -4.28
C ASP B 52 -23.06 -10.77 -4.31
N PHE B 53 -22.28 -11.04 -5.35
CA PHE B 53 -21.46 -12.28 -5.41
C PHE B 53 -20.42 -12.25 -4.29
N ILE B 54 -19.71 -11.14 -4.14
CA ILE B 54 -18.62 -11.02 -3.13
C ILE B 54 -19.24 -11.23 -1.74
N THR B 55 -20.38 -10.60 -1.45
CA THR B 55 -20.98 -10.65 -0.11
C THR B 55 -21.56 -12.05 0.12
N GLY B 56 -21.96 -12.72 -0.96
CA GLY B 56 -22.48 -14.10 -0.91
C GLY B 56 -21.49 -15.10 -0.34
N ILE B 57 -20.19 -14.85 -0.50
CA ILE B 57 -19.15 -15.84 -0.07
C ILE B 57 -18.55 -15.43 1.28
N LEU B 58 -19.13 -14.44 1.97
CA LEU B 58 -18.62 -13.94 3.27
C LEU B 58 -19.46 -14.46 4.43
N ASP B 59 -18.89 -14.32 5.62
CA ASP B 59 -19.57 -14.61 6.92
C ASP B 59 -20.22 -13.31 7.41
N ILE B 60 -21.52 -13.33 7.66
CA ILE B 60 -22.27 -12.12 8.11
C ILE B 60 -21.73 -11.62 9.45
N HIS B 61 -20.94 -12.41 10.17
CA HIS B 61 -20.39 -12.04 11.51
C HIS B 61 -19.06 -11.30 11.39
N ALA B 62 -18.53 -11.10 10.17
CA ALA B 62 -17.20 -10.47 10.00
C ALA B 62 -17.29 -9.27 9.04
N ALA B 63 -16.34 -8.34 9.17
CA ALA B 63 -16.12 -7.21 8.25
C ALA B 63 -14.87 -7.48 7.40
N TYR B 64 -14.91 -7.10 6.14
CA TYR B 64 -13.87 -7.46 5.16
C TYR B 64 -13.39 -6.20 4.47
N PHE B 65 -12.09 -5.95 4.44
CA PHE B 65 -11.51 -4.88 3.59
C PHE B 65 -11.78 -5.19 2.12
N ILE B 66 -12.10 -4.11 1.39
CA ILE B 66 -12.18 -4.06 -0.09
C ILE B 66 -11.13 -3.05 -0.57
N GLY B 67 -10.88 -3.06 -1.88
CA GLY B 67 -9.79 -2.33 -2.54
C GLY B 67 -10.12 -0.88 -2.80
N LEU B 68 -10.79 -0.21 -1.85
CA LEU B 68 -11.22 1.20 -1.92
C LEU B 68 -10.60 1.97 -0.75
N TRP B 69 -9.96 3.10 -1.05
CA TRP B 69 -9.38 3.94 0.03
C TRP B 69 -9.33 5.40 -0.42
N ASP B 70 -9.26 6.28 0.57
CA ASP B 70 -9.25 7.74 0.39
C ASP B 70 -7.79 8.20 0.29
N THR B 71 -7.40 8.73 -0.88
CA THR B 71 -6.03 9.20 -1.17
C THR B 71 -5.83 10.64 -0.69
N GLY B 72 -6.90 11.31 -0.28
CA GLY B 72 -6.83 12.74 0.12
C GLY B 72 -8.02 13.11 0.96
N HIS B 73 -8.95 13.88 0.38
CA HIS B 73 -10.14 14.40 1.08
C HIS B 73 -11.37 13.86 0.39
N ARG B 74 -11.83 12.68 0.84
CA ARG B 74 -12.99 11.96 0.26
C ARG B 74 -12.72 11.74 -1.23
N GLN B 75 -11.45 11.48 -1.58
CA GLN B 75 -11.01 11.19 -2.96
C GLN B 75 -10.74 9.68 -3.05
N TRP B 76 -11.82 8.92 -3.25
CA TRP B 76 -11.83 7.43 -3.23
C TRP B 76 -11.19 6.89 -4.51
N GLN B 77 -10.31 5.90 -4.34
CA GLN B 77 -9.59 5.24 -5.45
C GLN B 77 -9.69 3.73 -5.24
N TRP B 78 -9.81 3.01 -6.35
CA TRP B 78 -9.71 1.54 -6.43
C TRP B 78 -8.23 1.13 -6.57
N VAL B 79 -7.85 -0.02 -6.02
CA VAL B 79 -6.43 -0.46 -6.02
C VAL B 79 -5.98 -0.81 -7.44
N ASP B 80 -6.90 -1.04 -8.38
CA ASP B 80 -6.52 -1.38 -9.78
C ASP B 80 -6.64 -0.14 -10.68
N GLN B 81 -6.77 1.06 -10.11
CA GLN B 81 -6.79 2.35 -10.86
C GLN B 81 -8.03 2.45 -11.76
N THR B 82 -8.99 1.55 -11.65
CA THR B 82 -10.23 1.67 -12.45
C THR B 82 -11.04 2.81 -11.85
N PRO B 83 -11.84 3.52 -12.67
CA PRO B 83 -12.53 4.72 -12.19
C PRO B 83 -13.50 4.45 -11.04
N TYR B 84 -13.48 5.34 -10.04
CA TYR B 84 -14.50 5.42 -8.96
C TYR B 84 -15.74 6.14 -9.48
N GLU B 85 -16.89 5.50 -9.39
CA GLU B 85 -18.21 6.02 -9.85
C GLU B 85 -19.14 6.10 -8.65
N GLU B 86 -19.35 7.31 -8.10
CA GLU B 86 -20.16 7.56 -6.88
C GLU B 86 -21.58 7.01 -7.10
N SER B 87 -22.05 6.96 -8.35
CA SER B 87 -23.42 6.50 -8.71
C SER B 87 -23.53 4.97 -8.68
N VAL B 88 -22.42 4.23 -8.58
CA VAL B 88 -22.40 2.74 -8.49
C VAL B 88 -21.67 2.31 -7.22
N THR B 89 -22.13 2.75 -6.06
CA THR B 89 -21.52 2.44 -4.74
C THR B 89 -22.56 1.81 -3.82
N PHE B 90 -22.10 1.24 -2.71
CA PHE B 90 -22.90 0.38 -1.81
C PHE B 90 -22.63 0.77 -0.36
N TRP B 91 -22.45 2.07 -0.12
CA TRP B 91 -22.25 2.64 1.23
C TRP B 91 -23.46 2.30 2.09
N HIS B 92 -23.23 1.93 3.35
CA HIS B 92 -24.28 1.87 4.38
C HIS B 92 -24.81 3.29 4.61
N ASN B 93 -26.00 3.40 5.20
CA ASN B 93 -26.60 4.69 5.59
C ASN B 93 -25.65 5.40 6.55
N GLY B 94 -25.36 6.68 6.29
CA GLY B 94 -24.44 7.50 7.12
C GLY B 94 -22.98 7.31 6.74
N GLU B 95 -22.67 6.55 5.69
CA GLU B 95 -21.28 6.27 5.27
C GLU B 95 -21.04 6.88 3.90
N PRO B 96 -19.81 7.33 3.57
CA PRO B 96 -18.68 7.31 4.50
C PRO B 96 -18.84 8.41 5.56
N SER B 97 -18.44 8.14 6.80
CA SER B 97 -18.81 8.90 8.02
C SER B 97 -17.76 9.93 8.42
N SER B 98 -16.46 9.67 8.23
CA SER B 98 -15.38 10.47 8.89
C SER B 98 -14.15 10.62 8.00
N ASP B 99 -13.63 11.85 7.95
CA ASP B 99 -12.43 12.26 7.16
C ASP B 99 -11.20 11.48 7.63
N ASN B 100 -11.18 10.99 8.88
CA ASN B 100 -10.02 10.25 9.45
C ASN B 100 -10.18 8.73 9.25
N GLU B 101 -11.23 8.29 8.56
CA GLU B 101 -11.45 6.86 8.20
C GLU B 101 -11.21 6.70 6.70
N LYS B 102 -10.03 6.21 6.31
CA LYS B 102 -9.53 6.31 4.91
C LYS B 102 -9.66 4.98 4.17
N CYS B 103 -9.98 3.89 4.85
CA CYS B 103 -10.04 2.55 4.22
C CYS B 103 -11.46 2.00 4.31
N VAL B 104 -11.84 1.14 3.37
CA VAL B 104 -13.25 0.71 3.25
C VAL B 104 -13.37 -0.79 3.55
N THR B 105 -14.36 -1.10 4.36
CA THR B 105 -14.75 -2.49 4.68
CA THR B 105 -14.77 -2.50 4.70
C THR B 105 -16.18 -2.74 4.16
N VAL B 106 -16.51 -4.00 3.91
CA VAL B 106 -17.91 -4.38 3.66
C VAL B 106 -18.34 -5.22 4.87
N TYR B 107 -19.50 -4.92 5.42
CA TYR B 107 -20.03 -5.66 6.60
C TYR B 107 -21.55 -5.67 6.56
N TYR B 108 -22.10 -6.59 7.35
CA TYR B 108 -23.55 -6.93 7.42
C TYR B 108 -24.17 -6.19 8.59
N ARG B 109 -25.21 -5.40 8.33
CA ARG B 109 -26.06 -4.77 9.35
C ARG B 109 -27.34 -5.61 9.48
N ARG B 110 -27.64 -6.08 10.70
CA ARG B 110 -28.83 -6.93 10.99
CA ARG B 110 -28.83 -6.91 11.00
C ARG B 110 -30.07 -6.19 10.47
N ASN B 111 -30.90 -6.90 9.68
CA ASN B 111 -32.20 -6.46 9.12
C ASN B 111 -32.01 -5.42 8.02
N ILE B 112 -30.78 -5.20 7.53
CA ILE B 112 -30.48 -4.24 6.44
C ILE B 112 -29.84 -5.00 5.29
N GLY B 113 -28.71 -5.66 5.57
CA GLY B 113 -27.87 -6.33 4.58
C GLY B 113 -26.46 -5.76 4.56
N TRP B 114 -25.73 -6.10 3.50
CA TRP B 114 -24.31 -5.76 3.33
C TRP B 114 -24.17 -4.32 2.86
N GLY B 115 -23.10 -3.66 3.24
CA GLY B 115 -22.78 -2.31 2.74
C GLY B 115 -21.38 -1.91 3.16
N TRP B 116 -20.91 -0.80 2.59
CA TRP B 116 -19.55 -0.30 2.80
C TRP B 116 -19.53 0.65 4.01
N ASN B 117 -18.41 0.63 4.71
CA ASN B 117 -18.12 1.50 5.87
C ASN B 117 -16.68 1.97 5.75
N ASP B 118 -16.42 3.27 5.82
CA ASP B 118 -15.04 3.79 5.98
C ASP B 118 -14.61 3.51 7.43
N ILE B 119 -13.41 2.99 7.60
CA ILE B 119 -12.80 2.74 8.94
C ILE B 119 -11.32 3.12 8.88
N SER B 120 -10.68 3.18 10.04
CA SER B 120 -9.22 3.36 10.20
C SER B 120 -8.49 2.24 9.46
N CYS B 121 -7.54 2.64 8.60
CA CYS B 121 -6.68 1.74 7.79
C CYS B 121 -5.86 0.79 8.68
N ASN B 122 -5.58 1.19 9.92
CA ASN B 122 -4.70 0.40 10.81
C ASN B 122 -5.48 -0.75 11.47
N LEU B 123 -6.81 -0.69 11.52
CA LEU B 123 -7.62 -1.75 12.18
C LEU B 123 -7.49 -3.06 11.40
N LYS B 124 -7.40 -4.18 12.11
CA LYS B 124 -7.26 -5.51 11.49
C LYS B 124 -8.64 -6.02 11.12
N GLN B 125 -8.81 -6.46 9.88
CA GLN B 125 -10.09 -7.01 9.38
C GLN B 125 -9.78 -8.26 8.55
N LYS B 126 -10.81 -9.05 8.24
CA LYS B 126 -10.69 -10.07 7.18
C LYS B 126 -10.63 -9.31 5.85
N SER B 127 -10.51 -10.01 4.73
CA SER B 127 -10.40 -9.37 3.41
C SER B 127 -10.88 -10.33 2.32
N VAL B 128 -11.04 -9.80 1.12
CA VAL B 128 -11.33 -10.64 -0.08
CA VAL B 128 -11.38 -10.59 -0.09
C VAL B 128 -10.45 -10.17 -1.24
N CYS B 129 -9.86 -11.15 -1.92
CA CYS B 129 -8.96 -10.93 -3.07
C CYS B 129 -9.72 -11.28 -4.35
N GLN B 130 -9.27 -10.66 -5.43
CA GLN B 130 -9.81 -10.73 -6.79
C GLN B 130 -8.64 -10.82 -7.78
N MET B 131 -8.83 -11.61 -8.83
CA MET B 131 -7.88 -11.70 -9.96
CA MET B 131 -7.87 -11.88 -9.93
C MET B 131 -8.67 -12.05 -11.22
N LYS B 132 -8.10 -11.77 -12.39
CA LYS B 132 -8.70 -12.23 -13.67
C LYS B 132 -8.60 -13.77 -13.71
N LYS B 133 -9.57 -14.42 -14.36
CA LYS B 133 -9.55 -15.90 -14.55
C LYS B 133 -8.51 -16.24 -15.63
N ILE B 134 -8.18 -17.52 -15.78
CA ILE B 134 -7.30 -18.05 -16.87
C ILE B 134 -8.17 -18.40 -18.08
CA CA C . 15.45 15.32 10.84
C1 B3P D . 5.59 16.40 -3.94
C2 B3P D . 7.02 16.89 -4.06
C3 B3P D . 5.03 15.89 -5.24
N1 B3P D . 5.30 14.46 -5.44
C4 B3P D . 5.33 13.93 -6.84
C5 B3P D . 5.03 12.43 -6.70
C6 B3P D . 4.23 14.62 -7.64
C7 B3P D . 6.68 14.09 -7.56
N2 B3P D . 7.60 17.10 -2.73
C8 B3P D . 8.03 18.47 -2.34
C9 B3P D . 7.21 19.63 -2.92
C10 B3P D . 9.50 18.60 -2.76
C11 B3P D . 7.90 18.47 -0.81
O1 B3P D . 5.82 19.48 -2.70
O2 B3P D . 9.97 19.94 -2.65
O3 B3P D . 8.16 19.73 -0.23
O4 B3P D . 4.96 11.78 -7.96
O5 B3P D . 3.87 13.92 -8.83
O6 B3P D . 7.53 15.10 -7.03
C1 MAN E . 21.17 21.02 8.27
C2 MAN E . 22.01 21.80 7.21
C3 MAN E . 21.48 23.21 7.11
C4 MAN E . 20.00 23.17 6.72
C5 MAN E . 19.23 22.39 7.80
C6 MAN E . 17.74 22.23 7.45
O2 MAN E . 21.93 21.15 5.91
O3 MAN E . 22.23 23.92 6.12
O4 MAN E . 19.53 24.50 6.64
O5 MAN E . 19.76 21.05 7.93
O6 MAN E . 17.58 21.27 6.38
C1 IPD F . 22.30 19.70 11.00
C2 IPD F . 21.96 18.68 12.08
C3 IPD F . 21.58 19.41 13.35
C4 IPD F . 20.40 20.34 13.05
C5 IPD F . 20.74 21.36 11.97
C6 IPD F . 21.11 20.63 10.70
P1 IPD F . 24.08 18.74 9.42
O1 IPD F . 22.59 19.01 9.81
O2 IPD F . 20.81 17.90 11.67
O3 IPD F . 21.21 18.45 14.37
O4 IPD F . 20.03 21.03 14.24
O5 IPD F . 19.58 22.15 11.72
O6 IPD F . 21.45 21.57 9.63
O7 IPD F . 24.71 17.94 10.70
O8 IPD F . 24.80 19.99 9.04
O9 IPD F . 23.88 17.68 8.20
C1 MAN G . 21.04 16.70 10.93
C2 MAN G . 19.88 16.51 9.93
C3 MAN G . 18.55 16.36 10.68
C4 MAN G . 18.64 15.28 11.70
C5 MAN G . 19.83 15.51 12.63
C6 MAN G . 20.11 14.22 13.43
O2 MAN G . 20.10 15.38 9.12
O3 MAN G . 17.54 16.08 9.77
O4 MAN G . 17.47 15.28 12.49
O5 MAN G . 21.05 15.66 11.91
O6 MAN G . 20.97 14.54 14.52
CA CA H . -17.36 4.92 9.03
C1 IPD I . -16.92 3.77 17.10
C2 IPD I . -18.26 3.95 16.40
C3 IPD I . -18.81 5.29 16.81
C4 IPD I . -17.84 6.41 16.35
C5 IPD I . -16.45 6.21 16.96
C6 IPD I . -15.91 4.83 16.62
P1 IPD I . -16.64 1.36 17.94
O1 IPD I . -16.43 2.48 16.81
O2 IPD I . -18.11 3.94 14.96
O3 IPD I . -20.05 5.47 16.17
O4 IPD I . -18.38 7.69 16.74
O5 IPD I . -15.55 7.20 16.46
O6 IPD I . -14.64 4.62 17.27
O7 IPD I . -16.40 -0.05 17.17
O8 IPD I . -15.77 1.57 19.12
O9 IPD I . -18.22 1.41 18.31
C1 MAN J . -18.26 2.69 14.27
C2 MAN J . -17.26 2.65 13.11
C3 MAN J . -17.61 3.72 12.06
C4 MAN J . -19.04 3.53 11.60
C5 MAN J . -19.99 3.57 12.79
C6 MAN J . -21.40 3.28 12.25
O2 MAN J . -17.29 1.36 12.52
O3 MAN J . -16.76 3.60 10.89
O4 MAN J . -19.37 4.59 10.69
O5 MAN J . -19.61 2.57 13.78
O6 MAN J . -22.27 2.99 13.35
#